data_4MBQ
#
_entry.id   4MBQ
#
_cell.length_a   34.026
_cell.length_b   58.514
_cell.length_c   136.695
_cell.angle_alpha   90.00
_cell.angle_beta   90.00
_cell.angle_gamma   90.00
#
_symmetry.space_group_name_H-M   'P 21 21 21'
#
loop_
_entity.id
_entity.type
_entity.pdbx_description
1 polymer 'Motility protein FimV'
2 water water
#
_entity_poly.entity_id   1
_entity_poly.type   'polypeptide(L)'
_entity_poly.pdbx_seq_one_letter_code
;GIDPFTDDFDFLSGADEAATKLDLARAYIDMGDSEGARDILDEVLAEGNDSQQAEARELLERLA
;
_entity_poly.pdbx_strand_id   A,B,C,D,E,F
#
# COMPACT_ATOMS: atom_id res chain seq x y z
N ASP A 16 -17.43 -5.21 -1.15
CA ASP A 16 -17.44 -3.75 -1.19
C ASP A 16 -16.88 -3.24 -2.51
N GLU A 17 -17.67 -2.39 -3.17
CA GLU A 17 -17.31 -1.89 -4.50
C GLU A 17 -16.11 -0.95 -4.48
N ALA A 18 -16.04 -0.12 -3.45
CA ALA A 18 -14.92 0.81 -3.30
C ALA A 18 -13.60 0.07 -3.08
N ALA A 19 -13.64 -0.96 -2.24
CA ALA A 19 -12.45 -1.75 -1.95
C ALA A 19 -11.97 -2.51 -3.18
N THR A 20 -12.92 -2.93 -4.02
CA THR A 20 -12.58 -3.62 -5.25
C THR A 20 -11.92 -2.66 -6.23
N LYS A 21 -12.46 -1.45 -6.33
CA LYS A 21 -11.92 -0.44 -7.23
C LYS A 21 -10.52 -0.01 -6.83
N LEU A 22 -10.25 0.03 -5.53
CA LEU A 22 -8.90 0.33 -5.03
C LEU A 22 -7.90 -0.69 -5.59
N ASP A 23 -8.27 -1.96 -5.56
CA ASP A 23 -7.41 -3.02 -6.10
C ASP A 23 -7.25 -2.89 -7.60
N LEU A 24 -8.36 -2.61 -8.28
CA LEU A 24 -8.34 -2.42 -9.72
C LEU A 24 -7.44 -1.25 -10.09
N ALA A 25 -7.53 -0.17 -9.31
CA ALA A 25 -6.67 0.99 -9.52
C ALA A 25 -5.19 0.60 -9.39
N ARG A 26 -4.88 -0.25 -8.42
CA ARG A 26 -3.52 -0.75 -8.25
C ARG A 26 -3.09 -1.60 -9.44
N ALA A 27 -4.04 -2.32 -10.02
CA ALA A 27 -3.78 -3.13 -11.21
C ALA A 27 -3.45 -2.24 -12.41
N TYR A 28 -4.18 -1.14 -12.56
CA TYR A 28 -3.93 -0.18 -13.62
C TYR A 28 -2.56 0.47 -13.46
N ILE A 29 -2.23 0.80 -12.21
CA ILE A 29 -0.93 1.37 -11.88
C ILE A 29 0.21 0.41 -12.25
N ASP A 30 -0.03 -0.88 -12.05
CA ASP A 30 0.94 -1.91 -12.45
C ASP A 30 1.20 -1.87 -13.96
N MET A 31 0.15 -1.62 -14.73
CA MET A 31 0.23 -1.67 -16.18
C MET A 31 0.61 -0.34 -16.80
N GLY A 32 0.79 0.67 -15.95
CA GLY A 32 1.17 1.99 -16.41
C GLY A 32 0.01 2.77 -17.03
N ASP A 33 -1.20 2.29 -16.80
CA ASP A 33 -2.39 3.02 -17.23
C ASP A 33 -2.80 4.01 -16.15
N SER A 34 -2.07 5.12 -16.07
CA SER A 34 -2.27 6.12 -15.02
C SER A 34 -3.62 6.82 -15.12
N GLU A 35 -4.03 7.16 -16.34
CA GLU A 35 -5.31 7.82 -16.56
C GLU A 35 -6.47 6.93 -16.12
N GLY A 36 -6.35 5.64 -16.44
CA GLY A 36 -7.35 4.68 -16.02
C GLY A 36 -7.41 4.56 -14.50
N ALA A 37 -6.23 4.51 -13.88
CA ALA A 37 -6.13 4.44 -12.42
C ALA A 37 -6.74 5.68 -11.78
N ARG A 38 -6.42 6.84 -12.34
CA ARG A 38 -6.93 8.11 -11.83
C ARG A 38 -8.45 8.14 -11.81
N ASP A 39 -9.07 7.76 -12.92
CA ASP A 39 -10.52 7.75 -13.04
C ASP A 39 -11.18 6.79 -12.05
N ILE A 40 -10.52 5.65 -11.81
CA ILE A 40 -11.04 4.66 -10.87
C ILE A 40 -10.91 5.15 -9.43
N LEU A 41 -9.78 5.78 -9.13
CA LEU A 41 -9.56 6.37 -7.81
C LEU A 41 -10.57 7.49 -7.53
N ASP A 42 -11.07 8.11 -8.59
CA ASP A 42 -12.11 9.13 -8.45
C ASP A 42 -13.45 8.48 -8.09
N GLU A 43 -13.69 7.28 -8.62
CA GLU A 43 -14.88 6.53 -8.24
C GLU A 43 -14.85 6.19 -6.76
N VAL A 44 -13.67 5.84 -6.24
CA VAL A 44 -13.51 5.53 -4.83
C VAL A 44 -13.82 6.74 -3.96
N LEU A 45 -13.39 7.92 -4.40
CA LEU A 45 -13.68 9.16 -3.69
C LEU A 45 -15.19 9.34 -3.52
N ALA A 46 -15.94 8.93 -4.54
CA ALA A 46 -17.38 9.09 -4.56
C ALA A 46 -18.12 7.98 -3.80
N GLU A 47 -17.54 6.78 -3.78
CA GLU A 47 -18.23 5.60 -3.25
C GLU A 47 -17.73 5.17 -1.88
N GLY A 48 -16.45 5.40 -1.60
CA GLY A 48 -15.83 4.87 -0.42
C GLY A 48 -16.18 5.60 0.86
N ASN A 49 -15.97 4.92 1.99
CA ASN A 49 -16.05 5.57 3.29
C ASN A 49 -14.86 6.49 3.47
N ASP A 50 -14.80 7.18 4.60
CA ASP A 50 -13.74 8.17 4.83
C ASP A 50 -12.33 7.59 4.70
N SER A 51 -12.12 6.39 5.22
CA SER A 51 -10.78 5.78 5.19
C SER A 51 -10.42 5.33 3.79
N GLN A 52 -11.41 4.90 3.01
CA GLN A 52 -11.18 4.49 1.64
C GLN A 52 -10.89 5.70 0.76
N GLN A 53 -11.58 6.81 1.03
CA GLN A 53 -11.30 8.06 0.36
C GLN A 53 -9.84 8.46 0.61
N ALA A 54 -9.41 8.30 1.84
CA ALA A 54 -8.04 8.61 2.23
C ALA A 54 -7.04 7.80 1.43
N GLU A 55 -7.28 6.48 1.35
CA GLU A 55 -6.43 5.59 0.58
C GLU A 55 -6.38 6.00 -0.89
N ALA A 56 -7.54 6.37 -1.43
CA ALA A 56 -7.64 6.84 -2.81
C ALA A 56 -6.82 8.10 -3.05
N ARG A 57 -6.91 9.06 -2.14
CA ARG A 57 -6.15 10.30 -2.23
CA ARG A 57 -6.15 10.30 -2.28
C ARG A 57 -4.64 10.05 -2.16
N GLU A 58 -4.28 9.06 -1.37
CA GLU A 58 -2.87 8.69 -1.22
C GLU A 58 -2.30 8.20 -2.55
N LEU A 59 -3.06 7.37 -3.23
CA LEU A 59 -2.64 6.84 -4.52
C LEU A 59 -2.65 7.92 -5.60
N LEU A 60 -3.63 8.81 -5.54
CA LEU A 60 -3.75 9.91 -6.49
C LEU A 60 -2.54 10.84 -6.43
N GLU A 61 -2.09 11.13 -5.22
CA GLU A 61 -0.92 11.98 -5.01
C GLU A 61 0.32 11.31 -5.59
N ARG A 62 0.41 9.99 -5.42
CA ARG A 62 1.54 9.23 -5.91
C ARG A 62 1.63 9.30 -7.43
N LEU A 63 0.49 9.52 -8.07
CA LEU A 63 0.43 9.69 -9.52
C LEU A 63 0.77 11.12 -9.93
N ALA A 64 0.22 12.08 -9.18
CA ALA A 64 0.29 13.51 -9.52
C ALA A 64 1.67 13.99 -9.97
N GLY B 14 6.65 -10.46 -17.41
CA GLY B 14 6.86 -11.63 -16.58
C GLY B 14 6.42 -11.40 -15.15
N ALA B 15 7.21 -10.64 -14.40
CA ALA B 15 6.87 -10.30 -13.03
C ALA B 15 5.93 -9.10 -12.99
N ASP B 16 5.90 -8.36 -14.10
CA ASP B 16 5.02 -7.21 -14.22
C ASP B 16 3.57 -7.67 -14.47
N GLU B 17 3.43 -8.74 -15.24
CA GLU B 17 2.10 -9.28 -15.52
C GLU B 17 1.57 -10.04 -14.31
N ALA B 18 2.48 -10.64 -13.56
CA ALA B 18 2.11 -11.38 -12.35
C ALA B 18 1.67 -10.42 -11.25
N ALA B 19 2.33 -9.27 -11.19
CA ALA B 19 1.98 -8.24 -10.22
C ALA B 19 0.57 -7.69 -10.51
N THR B 20 0.28 -7.48 -11.79
CA THR B 20 -1.04 -7.01 -12.21
C THR B 20 -2.10 -8.04 -11.87
N LYS B 21 -1.80 -9.30 -12.13
CA LYS B 21 -2.76 -10.37 -11.88
C LYS B 21 -3.02 -10.56 -10.39
N LEU B 22 -2.00 -10.30 -9.57
CA LEU B 22 -2.15 -10.39 -8.12
C LEU B 22 -3.15 -9.34 -7.62
N ASP B 23 -3.07 -8.14 -8.16
CA ASP B 23 -4.02 -7.09 -7.79
C ASP B 23 -5.43 -7.40 -8.33
N LEU B 24 -5.49 -8.00 -9.51
CA LEU B 24 -6.77 -8.43 -10.06
C LEU B 24 -7.40 -9.51 -9.20
N ALA B 25 -6.58 -10.41 -8.68
CA ALA B 25 -7.06 -11.47 -7.79
C ALA B 25 -7.62 -10.87 -6.52
N ARG B 26 -6.92 -9.88 -5.97
CA ARG B 26 -7.39 -9.17 -4.79
C ARG B 26 -8.73 -8.50 -5.07
N ALA B 27 -8.91 -8.02 -6.30
CA ALA B 27 -10.16 -7.40 -6.71
C ALA B 27 -11.30 -8.40 -6.72
N TYR B 28 -11.02 -9.60 -7.22
CA TYR B 28 -12.02 -10.67 -7.27
C TYR B 28 -12.45 -11.10 -5.87
N ILE B 29 -11.47 -11.15 -4.96
CA ILE B 29 -11.75 -11.52 -3.57
C ILE B 29 -12.67 -10.50 -2.91
N ASP B 30 -12.36 -9.22 -3.13
CA ASP B 30 -13.19 -8.15 -2.58
C ASP B 30 -14.58 -8.11 -3.21
N MET B 31 -14.70 -8.70 -4.40
CA MET B 31 -16.00 -8.81 -5.05
C MET B 31 -16.77 -10.02 -4.52
N GLY B 32 -16.08 -10.84 -3.73
CA GLY B 32 -16.66 -12.08 -3.23
C GLY B 32 -16.63 -13.17 -4.28
N ASP B 33 -15.82 -12.95 -5.32
CA ASP B 33 -15.70 -13.90 -6.42
C ASP B 33 -14.43 -14.73 -6.25
N SER B 34 -14.48 -15.73 -5.37
CA SER B 34 -13.33 -16.56 -5.06
C SER B 34 -12.93 -17.46 -6.24
N GLU B 35 -13.92 -17.94 -6.98
CA GLU B 35 -13.66 -18.79 -8.14
C GLU B 35 -12.80 -18.07 -9.18
N GLY B 36 -13.16 -16.82 -9.47
CA GLY B 36 -12.42 -16.00 -10.40
C GLY B 36 -11.02 -15.70 -9.89
N ALA B 37 -10.90 -15.50 -8.59
CA ALA B 37 -9.62 -15.22 -7.96
C ALA B 37 -8.67 -16.42 -8.09
N ARG B 38 -9.20 -17.61 -7.91
CA ARG B 38 -8.40 -18.83 -8.00
C ARG B 38 -7.84 -19.06 -9.40
N ASP B 39 -8.66 -18.83 -10.42
CA ASP B 39 -8.22 -18.96 -11.81
C ASP B 39 -7.07 -18.02 -12.12
N ILE B 40 -7.16 -16.79 -11.62
CA ILE B 40 -6.12 -15.79 -11.83
C ILE B 40 -4.85 -16.14 -11.06
N LEU B 41 -5.02 -16.58 -9.82
CA LEU B 41 -3.88 -16.95 -8.97
C LEU B 41 -3.13 -18.16 -9.51
N ASP B 42 -3.84 -19.05 -10.21
CA ASP B 42 -3.20 -20.21 -10.83
C ASP B 42 -2.16 -19.73 -11.85
N GLU B 43 -2.46 -18.62 -12.50
CA GLU B 43 -1.57 -18.04 -13.49
C GLU B 43 -0.37 -17.37 -12.82
N VAL B 44 -0.61 -16.73 -11.68
CA VAL B 44 0.47 -16.11 -10.92
C VAL B 44 1.50 -17.15 -10.45
N LEU B 45 1.00 -18.30 -10.00
CA LEU B 45 1.86 -19.40 -9.57
C LEU B 45 2.82 -19.86 -10.66
N ALA B 46 2.34 -19.84 -11.90
CA ALA B 46 3.14 -20.30 -13.03
C ALA B 46 4.03 -19.19 -13.61
N GLU B 47 3.64 -17.93 -13.36
CA GLU B 47 4.31 -16.81 -14.03
C GLU B 47 5.18 -15.95 -13.12
N GLY B 48 4.83 -15.90 -11.84
CA GLY B 48 5.46 -14.96 -10.94
C GLY B 48 6.82 -15.35 -10.42
N ASN B 49 7.50 -14.40 -9.78
CA ASN B 49 8.75 -14.70 -9.09
C ASN B 49 8.42 -15.36 -7.75
N ASP B 50 9.46 -15.67 -6.96
CA ASP B 50 9.27 -16.35 -5.69
C ASP B 50 8.36 -15.57 -4.74
N SER B 51 8.53 -14.26 -4.70
CA SER B 51 7.72 -13.41 -3.83
C SER B 51 6.25 -13.40 -4.26
N GLN B 52 6.03 -13.25 -5.56
CA GLN B 52 4.69 -13.23 -6.11
C GLN B 52 3.99 -14.58 -5.93
N GLN B 53 4.72 -15.65 -6.19
CA GLN B 53 4.22 -17.00 -5.96
C GLN B 53 3.82 -17.17 -4.50
N ALA B 54 4.67 -16.69 -3.60
CA ALA B 54 4.41 -16.80 -2.17
C ALA B 54 3.12 -16.08 -1.79
N GLU B 55 2.90 -14.91 -2.38
CA GLU B 55 1.69 -14.15 -2.12
C GLU B 55 0.46 -14.87 -2.67
N ALA B 56 0.60 -15.47 -3.84
CA ALA B 56 -0.49 -16.23 -4.45
C ALA B 56 -0.90 -17.38 -3.56
N ARG B 57 0.10 -18.08 -3.03
CA ARG B 57 -0.14 -19.19 -2.12
C ARG B 57 -0.85 -18.72 -0.86
N GLU B 58 -0.40 -17.58 -0.33
CA GLU B 58 -1.00 -17.00 0.87
C GLU B 58 -2.47 -16.65 0.62
N LEU B 59 -2.73 -16.04 -0.53
CA LEU B 59 -4.10 -15.66 -0.89
C LEU B 59 -4.98 -16.89 -1.08
N LEU B 60 -4.45 -17.92 -1.71
CA LEU B 60 -5.19 -19.16 -1.94
C LEU B 60 -5.56 -19.85 -0.63
N GLU B 61 -4.62 -19.91 0.29
CA GLU B 61 -4.85 -20.58 1.57
C GLU B 61 -5.84 -19.81 2.43
N ARG B 62 -5.86 -18.49 2.28
CA ARG B 62 -6.84 -17.66 2.98
C ARG B 62 -8.23 -17.90 2.41
N LEU B 63 -8.32 -18.14 1.11
CA LEU B 63 -9.60 -18.40 0.46
C LEU B 63 -10.09 -19.83 0.73
N SER C 13 3.43 16.71 1.89
CA SER C 13 2.74 16.20 0.71
C SER C 13 1.22 16.28 0.86
N GLY C 14 0.69 15.61 1.88
CA GLY C 14 -0.73 15.67 2.17
C GLY C 14 -1.31 14.38 2.69
N ALA C 15 -2.13 13.72 1.87
CA ALA C 15 -2.73 12.44 2.24
C ALA C 15 -1.65 11.42 2.51
N ASP C 16 -0.64 11.41 1.65
CA ASP C 16 0.50 10.52 1.82
C ASP C 16 1.27 10.86 3.08
N GLU C 17 1.33 12.16 3.39
CA GLU C 17 2.01 12.61 4.60
C GLU C 17 1.29 12.15 5.86
N ALA C 18 -0.01 12.41 5.94
CA ALA C 18 -0.80 12.07 7.12
C ALA C 18 -0.81 10.58 7.44
N ALA C 19 -0.99 9.76 6.41
CA ALA C 19 -0.98 8.31 6.56
C ALA C 19 0.38 7.87 7.11
N THR C 20 1.44 8.41 6.52
CA THR C 20 2.81 8.10 6.94
C THR C 20 3.05 8.55 8.37
N LYS C 21 2.72 9.80 8.66
CA LYS C 21 2.97 10.36 9.98
C LYS C 21 2.17 9.67 11.07
N LEU C 22 0.98 9.17 10.71
CA LEU C 22 0.18 8.40 11.65
C LEU C 22 0.90 7.12 12.08
N ASP C 23 1.60 6.49 11.15
CA ASP C 23 2.35 5.28 11.46
C ASP C 23 3.65 5.61 12.20
N LEU C 24 4.26 6.74 11.87
CA LEU C 24 5.41 7.23 12.62
C LEU C 24 5.02 7.55 14.05
N ALA C 25 3.82 8.12 14.21
CA ALA C 25 3.28 8.43 15.52
C ALA C 25 3.18 7.15 16.36
N ARG C 26 2.67 6.09 15.74
CA ARG C 26 2.55 4.80 16.40
C ARG C 26 3.93 4.28 16.79
N ALA C 27 4.89 4.45 15.91
CA ALA C 27 6.28 4.06 16.17
C ALA C 27 6.82 4.77 17.40
N TYR C 28 6.54 6.07 17.50
CA TYR C 28 6.98 6.86 18.64
C TYR C 28 6.35 6.36 19.94
N ILE C 29 5.11 5.91 19.86
CA ILE C 29 4.40 5.38 21.02
C ILE C 29 5.00 4.05 21.49
N ASP C 30 5.40 3.22 20.53
CA ASP C 30 6.07 1.96 20.85
C ASP C 30 7.38 2.19 21.57
N MET C 31 8.03 3.30 21.25
CA MET C 31 9.32 3.62 21.83
C MET C 31 9.16 4.37 23.15
N GLY C 32 7.92 4.67 23.50
CA GLY C 32 7.62 5.38 24.73
C GLY C 32 7.88 6.86 24.63
N ASP C 33 7.97 7.37 23.40
CA ASP C 33 8.18 8.79 23.16
C ASP C 33 6.84 9.47 22.93
N SER C 34 6.12 9.73 24.01
CA SER C 34 4.80 10.33 23.94
C SER C 34 4.86 11.76 23.41
N GLU C 35 5.93 12.48 23.77
CA GLU C 35 6.08 13.88 23.37
C GLU C 35 6.33 14.02 21.87
N GLY C 36 7.11 13.10 21.32
CA GLY C 36 7.41 13.12 19.89
C GLY C 36 6.20 12.74 19.07
N ALA C 37 5.37 11.86 19.62
CA ALA C 37 4.16 11.41 18.94
C ALA C 37 3.12 12.52 18.88
N ARG C 38 3.07 13.35 19.93
CA ARG C 38 2.15 14.49 19.97
C ARG C 38 2.48 15.47 18.84
N ASP C 39 3.76 15.80 18.71
CA ASP C 39 4.21 16.77 17.70
C ASP C 39 3.90 16.29 16.29
N ILE C 40 3.99 14.99 16.07
CA ILE C 40 3.70 14.41 14.77
C ILE C 40 2.19 14.36 14.52
N LEU C 41 1.43 14.00 15.54
CA LEU C 41 -0.02 13.93 15.42
C LEU C 41 -0.64 15.29 15.11
N ASP C 42 0.02 16.36 15.57
CA ASP C 42 -0.43 17.71 15.26
C ASP C 42 -0.38 17.94 13.75
N GLU C 43 0.66 17.43 13.12
CA GLU C 43 0.83 17.58 11.68
C GLU C 43 -0.22 16.75 10.93
N VAL C 44 -0.58 15.61 11.50
CA VAL C 44 -1.65 14.78 10.93
C VAL C 44 -2.98 15.54 10.95
N LEU C 45 -3.26 16.21 12.07
CA LEU C 45 -4.48 17.00 12.19
C LEU C 45 -4.60 18.05 11.09
N ALA C 46 -3.46 18.64 10.72
CA ALA C 46 -3.45 19.73 9.74
C ALA C 46 -3.33 19.24 8.29
N GLU C 47 -3.04 17.95 8.12
CA GLU C 47 -2.79 17.39 6.79
C GLU C 47 -3.83 16.36 6.36
N GLY C 48 -4.37 15.63 7.32
CA GLY C 48 -5.23 14.49 7.03
C GLY C 48 -6.66 14.80 6.66
N ASN C 49 -7.34 13.82 6.08
CA ASN C 49 -8.76 13.92 5.83
C ASN C 49 -9.54 13.61 7.10
N ASP C 50 -10.87 13.55 7.01
CA ASP C 50 -11.71 13.31 8.17
C ASP C 50 -11.29 12.07 8.97
N SER C 51 -11.10 10.95 8.28
CA SER C 51 -10.73 9.70 8.94
C SER C 51 -9.36 9.76 9.59
N GLN C 52 -8.41 10.37 8.89
CA GLN C 52 -7.04 10.46 9.39
C GLN C 52 -6.97 11.36 10.63
N GLN C 53 -7.67 12.49 10.58
CA GLN C 53 -7.75 13.39 11.72
C GLN C 53 -8.43 12.68 12.88
N ALA C 54 -9.49 11.94 12.59
CA ALA C 54 -10.23 11.21 13.61
C ALA C 54 -9.34 10.18 14.31
N GLU C 55 -8.46 9.56 13.54
CA GLU C 55 -7.53 8.58 14.08
C GLU C 55 -6.52 9.27 15.01
N ALA C 56 -6.01 10.42 14.56
CA ALA C 56 -5.06 11.19 15.35
C ALA C 56 -5.67 11.65 16.67
N ARG C 57 -6.94 12.04 16.62
CA ARG C 57 -7.64 12.53 17.80
C ARG C 57 -7.78 11.43 18.85
N GLU C 58 -8.09 10.22 18.39
CA GLU C 58 -8.19 9.06 19.29
C GLU C 58 -6.86 8.76 19.95
N LEU C 59 -5.78 8.86 19.18
CA LEU C 59 -4.43 8.62 19.71
C LEU C 59 -4.03 9.69 20.72
N LEU C 60 -4.32 10.94 20.41
CA LEU C 60 -3.99 12.05 21.31
C LEU C 60 -4.71 11.94 22.65
N GLU C 61 -5.98 11.56 22.60
CA GLU C 61 -6.81 11.49 23.80
C GLU C 61 -6.40 10.33 24.71
N ARG C 62 -5.74 9.32 24.15
CA ARG C 62 -5.28 8.18 24.95
C ARG C 62 -3.92 8.45 25.59
N LEU C 63 -3.21 9.47 25.10
CA LEU C 63 -1.93 9.85 25.68
C LEU C 63 -2.13 10.49 27.05
N GLY D 14 14.49 -8.17 21.59
CA GLY D 14 14.40 -8.42 20.17
C GLY D 14 12.99 -8.20 19.64
N ALA D 15 12.01 -8.81 20.30
CA ALA D 15 10.62 -8.67 19.91
C ALA D 15 10.09 -7.25 20.15
N ASP D 16 10.77 -6.52 21.03
CA ASP D 16 10.38 -5.15 21.36
C ASP D 16 10.73 -4.18 20.22
N GLU D 17 11.95 -4.30 19.73
CA GLU D 17 12.38 -3.48 18.59
C GLU D 17 11.64 -3.89 17.33
N ALA D 18 11.27 -5.17 17.27
CA ALA D 18 10.56 -5.71 16.12
C ALA D 18 9.18 -5.08 15.97
N ALA D 19 8.50 -4.87 17.09
CA ALA D 19 7.17 -4.26 17.08
C ALA D 19 7.23 -2.83 16.52
N THR D 20 8.26 -2.10 16.92
CA THR D 20 8.46 -0.73 16.44
C THR D 20 8.72 -0.72 14.93
N LYS D 21 9.57 -1.63 14.47
CA LYS D 21 9.95 -1.67 13.06
C LYS D 21 8.79 -2.06 12.15
N LEU D 22 7.83 -2.82 12.69
CA LEU D 22 6.63 -3.15 11.94
C LEU D 22 5.80 -1.91 11.65
N ASP D 23 5.84 -0.94 12.57
CA ASP D 23 5.13 0.31 12.36
C ASP D 23 5.91 1.24 11.44
N LEU D 24 7.24 1.20 11.53
CA LEU D 24 8.08 1.96 10.61
C LEU D 24 7.91 1.45 9.18
N ALA D 25 7.80 0.13 9.03
CA ALA D 25 7.60 -0.48 7.73
C ALA D 25 6.33 0.03 7.07
N ARG D 26 5.26 0.09 7.86
CA ARG D 26 3.98 0.61 7.37
C ARG D 26 4.11 2.06 6.90
N ALA D 27 4.95 2.82 7.60
CA ALA D 27 5.22 4.20 7.20
C ALA D 27 5.88 4.26 5.83
N TYR D 28 6.85 3.36 5.61
CA TYR D 28 7.53 3.27 4.33
C TYR D 28 6.57 2.91 3.21
N ILE D 29 5.65 2.00 3.50
CA ILE D 29 4.63 1.58 2.54
C ILE D 29 3.71 2.75 2.16
N ASP D 30 3.41 3.59 3.14
CA ASP D 30 2.56 4.76 2.92
C ASP D 30 3.15 5.74 1.91
N MET D 31 4.47 5.87 1.91
CA MET D 31 5.18 6.78 1.01
C MET D 31 5.50 6.12 -0.33
N GLY D 32 5.24 4.83 -0.43
CA GLY D 32 5.54 4.10 -1.65
C GLY D 32 6.99 3.64 -1.74
N ASP D 33 7.68 3.60 -0.61
CA ASP D 33 9.05 3.11 -0.57
C ASP D 33 9.07 1.61 -0.28
N SER D 34 8.86 0.82 -1.31
CA SER D 34 8.73 -0.63 -1.18
C SER D 34 10.02 -1.29 -0.72
N GLU D 35 11.13 -0.89 -1.33
CA GLU D 35 12.43 -1.47 -1.02
C GLU D 35 12.83 -1.16 0.42
N GLY D 36 12.58 0.08 0.84
CA GLY D 36 12.86 0.47 2.21
C GLY D 36 12.04 -0.35 3.18
N ALA D 37 10.77 -0.54 2.85
CA ALA D 37 9.86 -1.31 3.69
C ALA D 37 10.31 -2.76 3.78
N ARG D 38 10.75 -3.33 2.64
CA ARG D 38 11.20 -4.71 2.59
CA ARG D 38 11.16 -4.72 2.64
C ARG D 38 12.41 -4.93 3.49
N ASP D 39 13.36 -4.00 3.45
CA ASP D 39 14.57 -4.09 4.23
C ASP D 39 14.28 -4.06 5.73
N ILE D 40 13.26 -3.30 6.12
CA ILE D 40 12.86 -3.21 7.52
C ILE D 40 12.13 -4.46 7.95
N LEU D 41 11.23 -4.95 7.10
CA LEU D 41 10.51 -6.18 7.35
C LEU D 41 11.46 -7.37 7.48
N ASP D 42 12.58 -7.34 6.75
CA ASP D 42 13.59 -8.38 6.86
C ASP D 42 14.24 -8.35 8.25
N GLU D 43 14.40 -7.15 8.79
CA GLU D 43 14.92 -6.98 10.13
C GLU D 43 13.97 -7.61 11.15
N VAL D 44 12.67 -7.50 10.88
CA VAL D 44 11.66 -8.11 11.74
C VAL D 44 11.75 -9.64 11.66
N LEU D 45 12.03 -10.15 10.46
CA LEU D 45 12.22 -11.59 10.28
C LEU D 45 13.33 -12.12 11.17
N ALA D 46 14.38 -11.32 11.34
CA ALA D 46 15.54 -11.72 12.12
C ALA D 46 15.37 -11.48 13.62
N GLU D 47 14.52 -10.52 13.98
CA GLU D 47 14.43 -10.04 15.36
C GLU D 47 13.16 -10.44 16.11
N GLY D 48 12.04 -10.53 15.40
CA GLY D 48 10.76 -10.78 16.05
C GLY D 48 10.54 -12.21 16.50
N ASN D 49 9.50 -12.43 17.30
CA ASN D 49 9.11 -13.78 17.66
C ASN D 49 8.38 -14.45 16.50
N ASP D 50 7.99 -15.71 16.67
CA ASP D 50 7.36 -16.46 15.59
C ASP D 50 6.13 -15.76 15.02
N SER D 51 5.37 -15.11 15.89
CA SER D 51 4.17 -14.40 15.45
C SER D 51 4.50 -13.12 14.68
N GLN D 52 5.50 -12.38 15.15
CA GLN D 52 5.93 -11.15 14.47
C GLN D 52 6.56 -11.44 13.11
N GLN D 53 7.26 -12.58 13.02
CA GLN D 53 7.86 -13.00 11.75
C GLN D 53 6.77 -13.26 10.72
N ALA D 54 5.72 -13.94 11.15
CA ALA D 54 4.60 -14.27 10.28
C ALA D 54 3.96 -13.00 9.73
N GLU D 55 3.81 -12.00 10.60
CA GLU D 55 3.22 -10.73 10.21
C GLU D 55 4.09 -10.04 9.18
N ALA D 56 5.39 -10.05 9.41
CA ALA D 56 6.35 -9.43 8.49
C ALA D 56 6.35 -10.15 7.14
N ARG D 57 6.18 -11.46 7.20
CA ARG D 57 6.13 -12.29 5.99
C ARG D 57 4.94 -11.89 5.12
N GLU D 58 3.77 -11.76 5.75
CA GLU D 58 2.56 -11.37 5.04
C GLU D 58 2.66 -9.98 4.42
N LEU D 59 3.30 -9.06 5.13
CA LEU D 59 3.54 -7.72 4.61
C LEU D 59 4.51 -7.75 3.43
N LEU D 60 5.55 -8.58 3.54
CA LEU D 60 6.50 -8.77 2.46
C LEU D 60 5.82 -9.34 1.23
N GLU D 61 4.95 -10.32 1.45
CA GLU D 61 4.21 -10.95 0.36
C GLU D 61 3.21 -9.98 -0.25
N ARG D 62 2.65 -9.10 0.58
CA ARG D 62 1.69 -8.11 0.10
C ARG D 62 2.38 -7.06 -0.78
N LEU D 63 3.69 -6.91 -0.59
CA LEU D 63 4.47 -5.95 -1.36
C LEU D 63 4.71 -6.42 -2.79
N ALA D 64 4.44 -7.70 -3.05
CA ALA D 64 4.53 -8.23 -4.40
C ALA D 64 3.17 -8.16 -5.08
N GLY E 14 -26.21 -2.89 -8.55
CA GLY E 14 -26.82 -2.86 -9.87
C GLY E 14 -25.95 -2.09 -10.86
N ALA E 15 -26.14 -0.78 -10.90
CA ALA E 15 -25.34 0.07 -11.78
C ALA E 15 -23.96 0.30 -11.17
N ASP E 16 -23.89 0.19 -9.84
CA ASP E 16 -22.64 0.38 -9.13
C ASP E 16 -21.77 -0.86 -9.28
N GLU E 17 -22.40 -1.98 -9.59
CA GLU E 17 -21.70 -3.23 -9.86
C GLU E 17 -21.19 -3.24 -11.30
N ALA E 18 -21.95 -2.58 -12.19
CA ALA E 18 -21.56 -2.47 -13.59
C ALA E 18 -20.37 -1.54 -13.75
N ALA E 19 -20.31 -0.51 -12.91
CA ALA E 19 -19.17 0.40 -12.90
C ALA E 19 -17.90 -0.35 -12.52
N THR E 20 -18.03 -1.24 -11.54
CA THR E 20 -16.92 -2.07 -11.11
C THR E 20 -16.50 -3.02 -12.23
N LYS E 21 -17.50 -3.65 -12.86
CA LYS E 21 -17.23 -4.60 -13.92
C LYS E 21 -16.69 -3.95 -15.20
N LEU E 22 -17.10 -2.72 -15.48
CA LEU E 22 -16.52 -1.96 -16.58
C LEU E 22 -15.03 -1.69 -16.33
N ASP E 23 -14.70 -1.39 -15.07
CA ASP E 23 -13.31 -1.19 -14.68
C ASP E 23 -12.53 -2.49 -14.84
N LEU E 24 -13.15 -3.60 -14.44
CA LEU E 24 -12.53 -4.91 -14.55
C LEU E 24 -12.28 -5.29 -16.01
N ALA E 25 -13.32 -5.13 -16.83
CA ALA E 25 -13.23 -5.47 -18.25
C ALA E 25 -12.16 -4.67 -18.97
N ARG E 26 -12.08 -3.37 -18.68
CA ARG E 26 -11.08 -2.52 -19.31
C ARG E 26 -9.67 -2.91 -18.85
N ALA E 27 -9.57 -3.43 -17.63
CA ALA E 27 -8.30 -3.93 -17.13
C ALA E 27 -7.86 -5.13 -17.96
N TYR E 28 -8.83 -5.97 -18.34
CA TYR E 28 -8.55 -7.12 -19.19
C TYR E 28 -8.13 -6.70 -20.59
N ILE E 29 -8.72 -5.61 -21.09
CA ILE E 29 -8.32 -5.08 -22.38
C ILE E 29 -6.90 -4.53 -22.31
N ASP E 30 -6.57 -3.87 -21.20
CA ASP E 30 -5.22 -3.38 -20.95
C ASP E 30 -4.20 -4.50 -21.00
N MET E 31 -4.59 -5.67 -20.51
CA MET E 31 -3.71 -6.84 -20.48
C MET E 31 -3.67 -7.57 -21.83
N GLY E 32 -4.69 -7.36 -22.64
CA GLY E 32 -4.79 -8.03 -23.93
C GLY E 32 -5.62 -9.30 -23.86
N ASP E 33 -6.46 -9.39 -22.83
CA ASP E 33 -7.34 -10.54 -22.66
C ASP E 33 -8.76 -10.21 -23.13
N SER E 34 -8.97 -10.29 -24.43
CA SER E 34 -10.26 -9.97 -25.02
C SER E 34 -11.37 -10.90 -24.54
N GLU E 35 -11.05 -12.20 -24.44
CA GLU E 35 -12.03 -13.19 -24.02
C GLU E 35 -12.48 -12.96 -22.59
N GLY E 36 -11.54 -12.57 -21.73
CA GLY E 36 -11.85 -12.26 -20.35
C GLY E 36 -12.76 -11.05 -20.26
N ALA E 37 -12.45 -10.03 -21.05
CA ALA E 37 -13.25 -8.81 -21.11
C ALA E 37 -14.66 -9.12 -21.59
N ARG E 38 -14.76 -10.03 -22.55
CA ARG E 38 -16.04 -10.38 -23.18
C ARG E 38 -17.07 -10.91 -22.20
N ASP E 39 -16.65 -11.85 -21.35
CA ASP E 39 -17.54 -12.46 -20.37
C ASP E 39 -18.07 -11.42 -19.39
N ILE E 40 -17.20 -10.52 -18.96
CA ILE E 40 -17.56 -9.49 -17.99
C ILE E 40 -18.45 -8.43 -18.60
N LEU E 41 -18.14 -8.03 -19.83
CA LEU E 41 -18.93 -7.03 -20.54
C LEU E 41 -20.37 -7.53 -20.77
N ASP E 42 -20.53 -8.84 -20.83
CA ASP E 42 -21.85 -9.43 -20.96
C ASP E 42 -22.68 -9.14 -19.70
N GLU E 43 -22.01 -9.11 -18.56
CA GLU E 43 -22.68 -8.83 -17.30
C GLU E 43 -22.99 -7.34 -17.15
N VAL E 44 -22.18 -6.51 -17.79
CA VAL E 44 -22.43 -5.06 -17.81
C VAL E 44 -23.70 -4.78 -18.62
N LEU E 45 -23.89 -5.54 -19.70
CA LEU E 45 -25.08 -5.39 -20.53
C LEU E 45 -26.36 -5.71 -19.76
N ALA E 46 -26.22 -6.60 -18.78
CA ALA E 46 -27.36 -7.03 -17.98
C ALA E 46 -27.57 -6.16 -16.74
N GLU E 47 -26.50 -5.54 -16.26
CA GLU E 47 -26.54 -4.82 -14.99
C GLU E 47 -26.58 -3.30 -15.11
N GLY E 48 -25.89 -2.76 -16.11
CA GLY E 48 -25.66 -1.33 -16.19
C GLY E 48 -26.81 -0.47 -16.67
N ASN E 49 -26.69 0.83 -16.43
CA ASN E 49 -27.66 1.79 -16.94
C ASN E 49 -27.44 2.01 -18.44
N ASP E 50 -28.25 2.87 -19.04
CA ASP E 50 -28.18 3.12 -20.48
C ASP E 50 -26.79 3.55 -20.93
N SER E 51 -26.15 4.39 -20.12
CA SER E 51 -24.81 4.89 -20.42
C SER E 51 -23.77 3.77 -20.38
N GLN E 52 -23.89 2.91 -19.37
CA GLN E 52 -22.92 1.85 -19.16
C GLN E 52 -23.08 0.73 -20.18
N GLN E 53 -24.33 0.48 -20.59
CA GLN E 53 -24.61 -0.49 -21.63
C GLN E 53 -24.02 -0.03 -22.95
N ALA E 54 -24.14 1.27 -23.23
CA ALA E 54 -23.58 1.85 -24.45
C ALA E 54 -22.06 1.73 -24.46
N GLU E 55 -21.43 1.95 -23.30
CA GLU E 55 -19.99 1.79 -23.19
C GLU E 55 -19.60 0.34 -23.41
N ALA E 56 -20.37 -0.58 -22.84
CA ALA E 56 -20.11 -2.01 -23.01
C ALA E 56 -20.24 -2.43 -24.47
N ARG E 57 -21.24 -1.88 -25.15
CA ARG E 57 -21.46 -2.19 -26.56
C ARG E 57 -20.31 -1.69 -27.43
N GLU E 58 -19.85 -0.48 -27.17
CA GLU E 58 -18.70 0.08 -27.86
C GLU E 58 -17.47 -0.81 -27.69
N LEU E 59 -17.17 -1.16 -26.45
CA LEU E 59 -16.00 -1.98 -26.14
C LEU E 59 -16.10 -3.36 -26.77
N LEU E 60 -17.30 -3.94 -26.74
CA LEU E 60 -17.54 -5.25 -27.34
C LEU E 60 -17.27 -5.23 -28.84
N GLU E 61 -17.62 -4.13 -29.49
CA GLU E 61 -17.44 -4.00 -30.92
C GLU E 61 -15.97 -3.79 -31.29
N ARG E 62 -15.19 -3.30 -30.34
CA ARG E 62 -13.75 -3.12 -30.57
C ARG E 62 -12.99 -4.41 -30.30
N LEU E 63 -13.66 -5.37 -29.66
CA LEU E 63 -13.05 -6.66 -29.36
C LEU E 63 -13.25 -7.65 -30.52
N GLY F 14 22.92 -1.43 21.30
CA GLY F 14 23.92 -0.57 20.69
C GLY F 14 23.69 -0.42 19.20
N ALA F 15 24.14 -1.41 18.43
CA ALA F 15 23.92 -1.42 16.99
C ALA F 15 22.47 -1.76 16.69
N ASP F 16 21.80 -2.35 17.68
CA ASP F 16 20.40 -2.72 17.54
C ASP F 16 19.49 -1.50 17.56
N GLU F 17 19.75 -0.58 18.49
CA GLU F 17 18.97 0.65 18.57
C GLU F 17 19.33 1.60 17.44
N ALA F 18 20.60 1.58 17.03
CA ALA F 18 21.06 2.40 15.93
C ALA F 18 20.41 1.97 14.62
N ALA F 19 20.12 0.67 14.51
CA ALA F 19 19.44 0.14 13.34
C ALA F 19 18.03 0.69 13.26
N THR F 20 17.35 0.72 14.41
CA THR F 20 15.98 1.24 14.47
C THR F 20 15.95 2.74 14.17
N LYS F 21 16.95 3.46 14.65
CA LYS F 21 17.03 4.90 14.42
C LYS F 21 17.42 5.21 12.99
N LEU F 22 18.23 4.32 12.38
CA LEU F 22 18.55 4.46 10.97
C LEU F 22 17.28 4.33 10.13
N ASP F 23 16.41 3.40 10.52
CA ASP F 23 15.14 3.20 9.84
C ASP F 23 14.26 4.44 10.00
N LEU F 24 14.30 5.02 11.20
CA LEU F 24 13.51 6.21 11.50
C LEU F 24 13.96 7.39 10.67
N ALA F 25 15.27 7.61 10.64
CA ALA F 25 15.86 8.75 9.93
C ALA F 25 15.55 8.72 8.43
N ARG F 26 15.70 7.56 7.81
CA ARG F 26 15.47 7.44 6.37
C ARG F 26 14.00 7.68 6.02
N ALA F 27 13.11 7.39 6.97
CA ALA F 27 11.70 7.69 6.79
C ALA F 27 11.48 9.20 6.71
N TYR F 28 12.15 9.94 7.59
CA TYR F 28 12.11 11.40 7.58
C TYR F 28 12.70 11.92 6.28
N ILE F 29 13.80 11.31 5.86
CA ILE F 29 14.46 11.68 4.60
C ILE F 29 13.50 11.50 3.43
N ASP F 30 12.77 10.40 3.42
CA ASP F 30 11.79 10.13 2.36
C ASP F 30 10.69 11.20 2.35
N MET F 31 10.31 11.67 3.53
CA MET F 31 9.28 12.70 3.64
C MET F 31 9.81 14.07 3.22
N GLY F 32 11.14 14.21 3.17
CA GLY F 32 11.74 15.48 2.82
C GLY F 32 11.98 16.34 4.05
N ASP F 33 12.11 15.68 5.19
CA ASP F 33 12.33 16.35 6.46
C ASP F 33 13.79 16.26 6.86
N SER F 34 14.63 17.11 6.27
CA SER F 34 16.06 17.10 6.51
C SER F 34 16.44 17.37 7.96
N GLU F 35 15.77 18.35 8.57
CA GLU F 35 16.05 18.72 9.95
C GLU F 35 15.69 17.58 10.91
N GLY F 36 14.55 16.93 10.65
CA GLY F 36 14.09 15.84 11.49
C GLY F 36 14.99 14.63 11.43
N ALA F 37 15.60 14.41 10.27
CA ALA F 37 16.49 13.27 10.09
C ALA F 37 17.86 13.50 10.74
N ARG F 38 18.30 14.76 10.74
CA ARG F 38 19.63 15.11 11.24
C ARG F 38 19.85 14.76 12.70
N ASP F 39 18.90 15.14 13.55
CA ASP F 39 19.00 14.87 14.98
C ASP F 39 19.07 13.37 15.25
N ILE F 40 18.24 12.61 14.54
CA ILE F 40 18.21 11.17 14.69
C ILE F 40 19.51 10.53 14.20
N LEU F 41 20.01 11.02 13.06
CA LEU F 41 21.25 10.51 12.49
C LEU F 41 22.44 10.77 13.41
N ASP F 42 22.38 11.86 14.17
CA ASP F 42 23.41 12.16 15.15
C ASP F 42 23.45 11.11 16.25
N GLU F 43 22.29 10.54 16.56
CA GLU F 43 22.20 9.50 17.57
C GLU F 43 22.80 8.19 17.05
N VAL F 44 22.65 7.95 15.75
CA VAL F 44 23.25 6.78 15.11
C VAL F 44 24.77 6.91 15.16
N LEU F 45 25.27 8.13 14.98
CA LEU F 45 26.69 8.40 15.05
C LEU F 45 27.24 8.05 16.43
N ALA F 46 26.40 8.20 17.45
CA ALA F 46 26.82 7.95 18.83
C ALA F 46 26.64 6.50 19.26
N GLU F 47 25.73 5.78 18.58
CA GLU F 47 25.35 4.45 19.03
C GLU F 47 25.74 3.33 18.06
N GLY F 48 25.92 3.69 16.79
CA GLY F 48 26.13 2.68 15.75
C GLY F 48 27.54 2.15 15.61
N ASN F 49 27.67 1.05 14.86
CA ASN F 49 28.98 0.52 14.52
C ASN F 49 29.61 1.32 13.38
N ASP F 50 30.77 0.87 12.91
CA ASP F 50 31.46 1.55 11.83
C ASP F 50 30.60 1.66 10.58
N SER F 51 29.87 0.59 10.28
CA SER F 51 29.01 0.55 9.09
C SER F 51 27.84 1.53 9.22
N GLN F 52 27.22 1.54 10.40
CA GLN F 52 26.07 2.40 10.66
C GLN F 52 26.46 3.88 10.71
N GLN F 53 27.66 4.16 11.24
CA GLN F 53 28.17 5.52 11.29
C GLN F 53 28.42 6.08 9.89
N ALA F 54 29.07 5.27 9.05
CA ALA F 54 29.36 5.69 7.69
C ALA F 54 28.09 5.87 6.87
N GLU F 55 27.10 5.03 7.15
CA GLU F 55 25.79 5.17 6.51
C GLU F 55 25.09 6.43 7.00
N ALA F 56 25.17 6.69 8.31
CA ALA F 56 24.58 7.89 8.88
C ALA F 56 25.20 9.16 8.30
N ARG F 57 26.53 9.16 8.17
CA ARG F 57 27.25 10.29 7.59
C ARG F 57 26.89 10.44 6.11
N GLU F 58 26.77 9.31 5.42
CA GLU F 58 26.37 9.28 4.02
C GLU F 58 25.01 9.95 3.85
N LEU F 59 24.08 9.59 4.72
CA LEU F 59 22.73 10.15 4.66
C LEU F 59 22.74 11.64 5.00
N LEU F 60 23.69 12.06 5.83
CA LEU F 60 23.84 13.48 6.17
C LEU F 60 24.30 14.28 4.95
N GLU F 61 25.30 13.75 4.25
CA GLU F 61 25.87 14.44 3.10
C GLU F 61 24.93 14.41 1.89
N ARG F 62 24.00 13.47 1.88
CA ARG F 62 23.08 13.31 0.77
C ARG F 62 21.88 14.25 0.87
N LEU F 63 21.81 15.01 1.96
CA LEU F 63 20.73 15.95 2.18
C LEU F 63 20.89 17.22 1.35
#